data_3TMZ
#
_entry.id   3TMZ
#
_cell.length_a   92.995
_cell.length_b   92.995
_cell.length_c   152.773
_cell.angle_alpha   90.00
_cell.angle_beta   90.00
_cell.angle_gamma   120.00
#
_symmetry.space_group_name_H-M   'P 31 2 1'
#
loop_
_entity.id
_entity.type
_entity.pdbx_description
1 polymer 'Cytochrome P450 2B4'
2 non-polymer 'PROTOPORPHYRIN IX CONTAINING FE'
3 non-polymer 5-CYCLOHEXYL-1-PENTYL-BETA-D-MALTOSIDE
4 non-polymer Amlodipine
5 water water
#
_entity_poly.entity_id   1
_entity_poly.type   'polypeptide(L)'
_entity_poly.pdbx_seq_one_letter_code
;MAKKTSSKGKLPPGPSPLPVLGNLLQMDRKGLLRSFLRLREKYGDVFTVYLGSRPVVVLCGTDAIREALVDQAEAFSGRG
KIAVVDPIFQGYGVIFANGERWRALRRFSLATMRDFGMGKRSVEERIQEEARCLVEELRKSKGALLDNTLLFHSITSNII
CSIVFGKRFDYKDPVFLRLLDLFFQSFSLISSFSSQVFELFSGFLKYFPGTHRQIYRNLQEINTFIGQSVEKHRATLDPS
NPRDFIDVYLLRMEKDKSDPSSEFHHQNLILTVLSLFFAGTETTSTTLRYGFLLMLKYPHVTERVQKEIEQVIGSHRPPA
LDDRAKMPYTDAVIHEIQRLGDLIPFGVPHTVTKDTQFRGYVIPKNTEVFPVLSSALHDPRYFETPNTFNPGHFLDANGA
LKRNEGFMPFSLGKRICLGEGIARTELFLFFTTILQNFSIASPVPPEDIDLTPRESGVGNVPPSYQIRFLARHHHH
;
_entity_poly.pdbx_strand_id   A
#
# COMPACT_ATOMS: atom_id res chain seq x y z
N GLY A 9 -9.68 30.98 13.82
CA GLY A 9 -10.51 31.80 12.96
C GLY A 9 -11.36 30.98 12.03
N LYS A 10 -10.80 30.65 10.85
CA LYS A 10 -11.52 29.86 9.87
C LYS A 10 -11.05 28.41 9.88
N LEU A 11 -9.75 28.19 9.84
CA LEU A 11 -9.21 26.85 9.90
C LEU A 11 -9.64 26.18 11.17
N PRO A 12 -9.64 24.87 11.19
CA PRO A 12 -9.98 24.16 12.38
C PRO A 12 -8.98 24.44 13.48
N PRO A 13 -9.43 24.28 14.70
CA PRO A 13 -8.66 24.64 15.87
C PRO A 13 -7.54 23.67 16.09
N GLY A 14 -6.45 24.10 16.70
CA GLY A 14 -5.34 23.24 17.02
C GLY A 14 -4.32 23.99 17.83
N PRO A 15 -3.23 23.37 18.23
CA PRO A 15 -2.28 24.05 19.10
C PRO A 15 -1.57 25.19 18.39
N SER A 16 -1.23 26.19 19.19
CA SER A 16 -0.62 27.41 18.71
C SER A 16 0.82 27.13 18.21
N PRO A 17 1.14 27.55 17.00
CA PRO A 17 2.40 27.22 16.35
C PRO A 17 3.47 28.25 16.52
N LEU A 18 4.71 27.80 16.61
CA LEU A 18 5.87 28.65 16.45
C LEU A 18 6.07 28.92 14.98
N PRO A 19 6.94 29.88 14.69
CA PRO A 19 7.02 30.53 13.38
C PRO A 19 7.51 29.66 12.23
N VAL A 20 8.62 28.96 12.41
CA VAL A 20 9.26 28.36 11.27
C VAL A 20 9.03 26.90 11.39
N LEU A 21 8.96 26.53 12.63
CA LEU A 21 8.91 25.17 13.11
C LEU A 21 7.50 24.68 13.34
N GLY A 22 6.55 25.58 13.28
CA GLY A 22 5.16 25.25 13.61
C GLY A 22 5.02 24.58 14.97
N ASN A 23 4.31 23.46 14.99
CA ASN A 23 4.05 22.74 16.22
C ASN A 23 5.02 21.59 16.51
N LEU A 24 6.15 21.57 15.79
CA LEU A 24 7.13 20.46 15.91
C LEU A 24 7.77 20.31 17.28
N LEU A 25 8.14 21.42 17.89
CA LEU A 25 8.74 21.37 19.23
C LEU A 25 7.76 20.75 20.25
N GLN A 26 6.48 20.74 19.90
CA GLN A 26 5.45 20.17 20.78
C GLN A 26 5.03 18.78 20.32
N MET A 27 5.65 18.30 19.25
CA MET A 27 5.35 16.98 18.71
C MET A 27 6.46 15.99 19.02
N ASP A 28 6.22 14.71 18.72
CA ASP A 28 7.20 13.67 18.97
C ASP A 28 7.81 13.17 17.66
N LYS A 30 9.11 10.37 19.97
CA LYS A 30 8.65 8.98 19.81
C LYS A 30 7.78 8.86 18.54
N GLY A 31 6.45 8.83 18.73
CA GLY A 31 5.49 8.73 17.61
C GLY A 31 4.51 9.86 17.32
N LEU A 32 4.41 10.25 16.05
CA LEU A 32 3.41 11.21 15.62
C LEU A 32 1.98 10.71 15.90
N LEU A 33 1.75 9.40 15.77
CA LEU A 33 0.44 8.84 15.98
C LEU A 33 -0.11 9.15 17.39
N ARG A 34 0.74 8.96 18.42
CA ARG A 34 0.32 9.27 19.79
C ARG A 34 0.14 10.77 20.04
N SER A 35 0.82 11.61 19.27
CA SER A 35 0.61 13.06 19.38
C SER A 35 -0.74 13.50 18.81
N PHE A 36 -0.98 13.13 17.54
CA PHE A 36 -2.29 13.22 16.90
C PHE A 36 -3.37 12.71 17.85
N LEU A 37 -3.12 11.57 18.50
CA LEU A 37 -4.05 10.99 19.45
C LEU A 37 -4.22 11.87 20.72
N ARG A 38 -3.16 12.46 21.26
CA ARG A 38 -3.37 13.41 22.38
C ARG A 38 -4.06 14.70 21.87
N LEU A 39 -3.60 15.24 20.73
CA LEU A 39 -4.26 16.42 20.13
C LEU A 39 -5.77 16.25 19.84
N ARG A 40 -6.20 15.03 19.55
CA ARG A 40 -7.60 14.76 19.31
C ARG A 40 -8.38 14.87 20.62
N GLU A 41 -7.70 14.52 21.72
CA GLU A 41 -8.29 14.49 23.07
C GLU A 41 -8.66 15.90 23.52
N LYS A 42 -7.79 16.88 23.21
CA LYS A 42 -8.02 18.33 23.46
C LYS A 42 -8.94 18.98 22.42
N TYR A 43 -8.64 18.83 21.13
CA TYR A 43 -9.33 19.57 20.06
C TYR A 43 -10.48 18.86 19.31
N GLY A 44 -10.63 17.56 19.51
CA GLY A 44 -11.68 16.82 18.79
C GLY A 44 -11.21 16.16 17.52
N ASP A 45 -12.16 15.81 16.67
CA ASP A 45 -11.90 14.94 15.56
C ASP A 45 -11.30 15.60 14.33
N VAL A 46 -11.35 16.93 14.24
CA VAL A 46 -10.74 17.64 13.14
C VAL A 46 -9.94 18.77 13.74
N PHE A 47 -8.66 18.82 13.40
CA PHE A 47 -7.79 19.85 13.93
C PHE A 47 -6.67 20.23 12.98
N THR A 48 -6.02 21.33 13.33
CA THR A 48 -5.00 21.92 12.50
C THR A 48 -3.68 21.77 13.24
N VAL A 49 -2.68 21.21 12.55
CA VAL A 49 -1.30 21.21 13.04
C VAL A 49 -0.38 21.83 11.99
N TYR A 50 0.63 22.53 12.48
CA TYR A 50 1.62 23.18 11.64
C TYR A 50 2.85 22.27 11.70
N LEU A 51 3.06 21.51 10.61
CA LEU A 51 4.24 20.63 10.51
C LEU A 51 5.23 21.35 9.61
N GLY A 52 6.08 22.17 10.26
CA GLY A 52 6.77 23.29 9.60
C GLY A 52 5.98 24.60 9.54
N SER A 53 5.98 25.25 8.39
CA SER A 53 5.33 26.56 8.33
C SER A 53 3.89 26.41 7.80
N ARG A 54 3.62 25.33 7.07
CA ARG A 54 2.28 25.10 6.53
C ARG A 54 1.35 24.35 7.49
N PRO A 55 0.05 24.61 7.34
CA PRO A 55 -0.99 23.97 8.12
C PRO A 55 -1.46 22.68 7.52
N VAL A 56 -1.78 21.71 8.37
CA VAL A 56 -2.29 20.46 7.90
C VAL A 56 -3.53 20.14 8.67
N VAL A 57 -4.60 19.81 7.99
CA VAL A 57 -5.80 19.44 8.68
C VAL A 57 -5.83 17.95 8.86
N VAL A 58 -6.01 17.54 10.10
CA VAL A 58 -5.98 16.15 10.47
C VAL A 58 -7.40 15.65 10.76
N LEU A 59 -7.83 14.67 9.97
CA LEU A 59 -9.09 14.01 10.20
C LEU A 59 -8.89 12.74 11.04
N CYS A 60 -9.39 12.73 12.25
CA CYS A 60 -9.41 11.55 13.11
C CYS A 60 -10.80 10.99 13.25
N GLY A 61 -10.92 9.74 13.59
CA GLY A 61 -12.21 9.11 13.66
C GLY A 61 -12.86 8.81 12.34
N THR A 62 -13.60 7.73 12.31
CA THR A 62 -14.30 7.28 11.15
C THR A 62 -15.15 8.35 10.49
N ASP A 63 -15.84 9.07 11.32
CA ASP A 63 -16.83 10.08 10.98
C ASP A 63 -16.21 11.21 10.16
N ALA A 64 -15.25 11.90 10.77
CA ALA A 64 -14.58 13.00 10.11
C ALA A 64 -14.00 12.55 8.76
N ILE A 65 -13.47 11.34 8.72
CA ILE A 65 -12.82 10.90 7.53
C ILE A 65 -13.88 10.63 6.46
N ARG A 66 -15.01 10.03 6.84
CA ARG A 66 -16.08 9.79 5.86
C ARG A 66 -16.70 11.11 5.38
N GLU A 67 -16.90 12.06 6.28
CA GLU A 67 -17.57 13.29 5.87
C GLU A 67 -16.70 14.01 4.85
N ALA A 68 -15.39 14.03 5.09
CA ALA A 68 -14.47 14.66 4.18
C ALA A 68 -14.43 13.90 2.86
N LEU A 69 -13.97 12.64 2.91
CA LEU A 69 -13.54 11.96 1.66
C LEU A 69 -14.69 11.40 0.84
N VAL A 70 -15.81 11.18 1.53
CA VAL A 70 -16.99 10.60 0.88
C VAL A 70 -18.06 11.64 0.58
N ASP A 71 -18.51 12.43 1.58
CA ASP A 71 -19.63 13.42 1.37
C ASP A 71 -19.18 14.66 0.57
N GLN A 72 -17.94 15.10 0.77
CA GLN A 72 -17.37 16.21 0.01
C GLN A 72 -16.18 15.69 -0.78
N ALA A 73 -16.39 14.55 -1.42
CA ALA A 73 -15.33 13.85 -2.14
C ALA A 73 -14.48 14.75 -3.04
N GLU A 74 -15.10 15.35 -4.04
CA GLU A 74 -14.34 16.08 -5.05
C GLU A 74 -13.42 17.15 -4.42
N ALA A 75 -13.96 17.86 -3.47
CA ALA A 75 -13.15 18.79 -2.76
C ALA A 75 -11.90 18.13 -2.14
N PHE A 76 -12.03 16.87 -1.72
CA PHE A 76 -10.97 16.25 -0.92
C PHE A 76 -10.13 15.25 -1.76
N SER A 77 -10.16 15.41 -3.10
CA SER A 77 -9.53 14.48 -4.00
C SER A 77 -8.15 14.92 -4.48
N GLY A 78 -7.58 15.91 -3.82
CA GLY A 78 -6.26 16.40 -4.16
C GLY A 78 -5.19 15.46 -3.57
N ARG A 79 -4.02 15.38 -4.24
CA ARG A 79 -2.88 14.64 -3.67
C ARG A 79 -1.79 15.56 -3.15
N GLY A 80 -1.45 15.35 -1.88
CA GLY A 80 -0.34 16.04 -1.24
C GLY A 80 1.01 15.56 -1.76
N LYS A 81 1.85 16.53 -2.14
CA LYS A 81 3.27 16.35 -2.43
C LYS A 81 4.11 15.68 -1.29
N ILE A 82 4.97 14.74 -1.65
CA ILE A 82 5.97 14.19 -0.75
C ILE A 82 7.31 14.59 -1.33
N ALA A 83 7.96 15.59 -0.76
CA ALA A 83 9.12 16.25 -1.40
C ALA A 83 10.39 15.38 -1.59
N VAL A 84 10.44 14.27 -0.85
CA VAL A 84 11.58 13.35 -0.93
C VAL A 84 11.59 12.62 -2.27
N VAL A 85 10.41 12.43 -2.85
CA VAL A 85 10.32 11.75 -4.12
C VAL A 85 9.75 12.59 -5.20
N ASP A 86 9.40 13.82 -4.90
CA ASP A 86 8.91 14.73 -5.96
C ASP A 86 9.89 15.06 -7.08
N PRO A 87 11.21 15.19 -6.78
CA PRO A 87 12.08 15.54 -7.94
C PRO A 87 12.17 14.41 -8.97
N ILE A 88 11.85 13.19 -8.57
CA ILE A 88 11.68 12.11 -9.52
C ILE A 88 10.29 12.21 -10.22
N PHE A 89 9.22 12.31 -9.44
CA PHE A 89 7.85 12.08 -9.97
C PHE A 89 7.25 13.26 -10.61
N GLN A 90 7.36 14.40 -9.95
CA GLN A 90 6.93 15.65 -10.55
C GLN A 90 5.46 15.52 -10.95
N GLY A 91 4.67 14.92 -10.06
CA GLY A 91 3.26 14.76 -10.29
C GLY A 91 2.82 13.92 -11.47
N TYR A 92 3.63 12.94 -11.89
CA TYR A 92 3.20 12.00 -12.89
C TYR A 92 2.93 10.69 -12.21
N GLY A 93 2.13 9.86 -12.88
CA GLY A 93 1.65 8.63 -12.25
C GLY A 93 0.39 8.83 -11.41
N VAL A 94 -0.41 7.79 -11.28
CA VAL A 94 -1.65 7.91 -10.58
C VAL A 94 -1.44 8.42 -9.18
N ILE A 95 -0.68 7.71 -8.36
CA ILE A 95 -0.54 8.08 -6.97
C ILE A 95 0.04 9.46 -6.71
N PHE A 96 0.58 10.09 -7.71
CA PHE A 96 1.11 11.48 -7.59
C PHE A 96 0.37 12.59 -8.35
N ALA A 97 -0.45 12.28 -9.33
CA ALA A 97 -1.12 13.28 -10.22
C ALA A 97 -2.27 14.01 -9.56
N ASN A 98 -2.58 15.22 -10.07
CA ASN A 98 -3.71 16.06 -9.65
C ASN A 98 -4.57 16.49 -10.83
N GLY A 99 -5.81 16.91 -10.56
CA GLY A 99 -6.74 17.42 -11.61
C GLY A 99 -6.96 16.48 -12.78
N GLU A 100 -7.04 17.07 -13.97
CA GLU A 100 -7.30 16.29 -15.21
C GLU A 100 -6.24 15.26 -15.57
N ARG A 101 -4.99 15.53 -15.28
CA ARG A 101 -3.99 14.47 -15.47
C ARG A 101 -4.36 13.22 -14.64
N TRP A 102 -4.66 13.41 -13.35
CA TRP A 102 -5.02 12.29 -12.47
C TRP A 102 -6.26 11.53 -12.98
N ARG A 103 -7.30 12.30 -13.32
CA ARG A 103 -8.57 11.70 -13.78
C ARG A 103 -8.36 10.80 -14.99
N ALA A 104 -7.60 11.31 -15.93
CA ALA A 104 -7.32 10.58 -17.17
C ALA A 104 -6.46 9.35 -16.91
N LEU A 105 -5.38 9.54 -16.13
CA LEU A 105 -4.49 8.40 -15.83
C LEU A 105 -5.29 7.31 -15.10
N ARG A 106 -6.12 7.73 -14.17
CA ARG A 106 -6.93 6.80 -13.39
C ARG A 106 -8.00 6.08 -14.18
N ARG A 107 -8.75 6.82 -14.96
CA ARG A 107 -9.76 6.18 -15.86
C ARG A 107 -9.07 5.23 -16.82
N PHE A 108 -7.99 5.67 -17.46
CA PHE A 108 -7.23 4.75 -18.33
C PHE A 108 -6.76 3.46 -17.59
N SER A 109 -6.24 3.59 -16.38
CA SER A 109 -5.79 2.36 -15.66
C SER A 109 -6.95 1.39 -15.41
N LEU A 110 -8.10 1.92 -14.99
CA LEU A 110 -9.31 1.12 -14.80
C LEU A 110 -9.75 0.52 -16.11
N ALA A 111 -9.88 1.33 -17.14
CA ALA A 111 -10.23 0.83 -18.44
C ALA A 111 -9.26 -0.22 -18.97
N THR A 112 -8.11 -0.41 -18.31
CA THR A 112 -6.97 -1.24 -18.80
C THR A 112 -6.77 -2.51 -17.96
N MET A 113 -6.37 -2.31 -16.69
CA MET A 113 -6.08 -3.37 -15.68
C MET A 113 -7.35 -4.16 -15.27
N ARG A 114 -8.51 -3.59 -15.56
CA ARG A 114 -9.77 -4.30 -15.40
C ARG A 114 -10.06 -5.09 -16.67
N ASP A 115 -9.03 -5.26 -17.51
CA ASP A 115 -9.18 -5.97 -18.78
C ASP A 115 -7.98 -6.88 -19.07
N PHE A 116 -7.73 -7.81 -18.15
CA PHE A 116 -6.66 -8.79 -18.31
C PHE A 116 -7.21 -10.21 -18.26
N MET A 118 -6.14 -8.40 -22.76
CA MET A 118 -4.99 -7.53 -23.11
C MET A 118 -3.72 -7.66 -22.18
N GLY A 119 -3.07 -8.83 -22.05
CA GLY A 119 -3.26 -10.06 -22.86
C GLY A 119 -4.26 -11.05 -22.32
N LYS A 120 -4.38 -12.23 -22.96
CA LYS A 120 -5.45 -13.22 -22.66
C LYS A 120 -5.57 -13.73 -21.18
N ARG A 121 -4.48 -13.71 -20.43
CA ARG A 121 -4.49 -14.21 -19.06
C ARG A 121 -4.86 -13.21 -17.94
N SER A 122 -5.73 -13.61 -17.04
CA SER A 122 -6.19 -12.68 -15.98
C SER A 122 -5.17 -12.42 -14.82
N VAL A 123 -5.35 -11.30 -14.15
CA VAL A 123 -4.62 -10.98 -12.92
C VAL A 123 -4.73 -12.15 -11.97
N GLU A 124 -5.94 -12.63 -11.79
CA GLU A 124 -6.09 -13.77 -10.90
C GLU A 124 -5.18 -14.91 -11.32
N GLU A 125 -5.20 -15.29 -12.59
CA GLU A 125 -4.41 -16.47 -13.02
C GLU A 125 -2.90 -16.24 -12.80
N ARG A 126 -2.46 -14.99 -12.99
CA ARG A 126 -1.08 -14.58 -12.80
C ARG A 126 -0.66 -14.76 -11.33
N ILE A 127 -1.58 -14.47 -10.38
CA ILE A 127 -1.31 -14.51 -8.97
C ILE A 127 -1.26 -15.97 -8.58
N GLN A 128 -2.20 -16.77 -9.12
CA GLN A 128 -2.14 -18.22 -8.90
C GLN A 128 -0.85 -18.83 -9.38
N GLU A 129 -0.35 -18.35 -10.53
CA GLU A 129 0.97 -18.77 -11.06
C GLU A 129 2.16 -18.29 -10.18
N GLU A 130 2.09 -17.05 -9.69
CA GLU A 130 3.13 -16.60 -8.76
C GLU A 130 3.08 -17.47 -7.49
N ALA A 131 1.87 -17.85 -7.08
CA ALA A 131 1.73 -18.62 -5.82
C ALA A 131 2.33 -19.98 -5.99
N ARG A 132 2.05 -20.62 -7.11
CA ARG A 132 2.71 -21.90 -7.44
C ARG A 132 4.28 -21.82 -7.43
N CYS A 133 4.83 -20.75 -8.01
CA CYS A 133 6.27 -20.59 -8.06
C CYS A 133 6.84 -20.38 -6.65
N LEU A 134 6.13 -19.58 -5.84
CA LEU A 134 6.46 -19.39 -4.42
C LEU A 134 6.51 -20.73 -3.68
N VAL A 135 5.49 -21.56 -3.87
CA VAL A 135 5.46 -22.84 -3.15
C VAL A 135 6.67 -23.69 -3.52
N GLU A 136 7.01 -23.72 -4.81
CA GLU A 136 8.07 -24.58 -5.28
C GLU A 136 9.36 -24.04 -4.71
N GLU A 137 9.50 -22.72 -4.70
CA GLU A 137 10.68 -22.12 -4.14
C GLU A 137 10.83 -22.40 -2.64
N LEU A 138 9.70 -22.36 -1.93
CA LEU A 138 9.76 -22.58 -0.48
C LEU A 138 10.05 -24.06 -0.16
N ARG A 139 9.65 -24.95 -1.05
CA ARG A 139 10.00 -26.36 -0.92
C ARG A 139 11.52 -26.55 -0.92
N LYS A 140 12.22 -25.75 -1.73
CA LYS A 140 13.66 -25.83 -1.80
C LYS A 140 14.35 -25.47 -0.48
N SER A 141 13.72 -24.60 0.32
CA SER A 141 14.30 -24.31 1.61
C SER A 141 14.40 -25.52 2.55
N LYS A 142 13.63 -26.57 2.27
CA LYS A 142 13.63 -27.77 3.16
C LYS A 142 13.32 -27.50 4.64
N GLY A 143 12.54 -26.49 4.98
CA GLY A 143 12.29 -26.26 6.40
C GLY A 143 13.37 -25.50 7.17
N ALA A 144 14.36 -24.93 6.47
CA ALA A 144 15.36 -24.14 7.13
C ALA A 144 14.80 -22.76 7.54
N LEU A 145 15.36 -22.19 8.60
CA LEU A 145 14.99 -20.88 9.07
C LEU A 145 15.23 -19.88 7.96
N LEU A 146 14.23 -19.04 7.71
CA LEU A 146 14.43 -17.94 6.73
C LEU A 146 13.77 -16.64 7.16
N ASP A 147 14.25 -15.52 6.66
CA ASP A 147 13.57 -14.25 6.77
C ASP A 147 12.75 -14.08 5.43
N ASN A 148 11.40 -14.02 5.52
CA ASN A 148 10.56 -14.03 4.28
C ASN A 148 10.47 -12.66 3.60
N THR A 149 11.15 -11.63 4.15
CA THR A 149 11.16 -10.28 3.52
C THR A 149 11.43 -10.27 2.01
N LEU A 150 12.52 -10.93 1.59
CA LEU A 150 12.93 -10.92 0.18
C LEU A 150 11.88 -11.58 -0.71
N LEU A 151 11.44 -12.79 -0.35
CA LEU A 151 10.43 -13.51 -1.11
C LEU A 151 9.12 -12.73 -1.26
N PHE A 152 8.67 -12.09 -0.19
CA PHE A 152 7.40 -11.43 -0.22
C PHE A 152 7.52 -10.13 -1.05
N HIS A 153 8.64 -9.44 -0.96
CA HIS A 153 8.89 -8.34 -1.91
C HIS A 153 8.91 -8.86 -3.36
N SER A 154 9.42 -10.08 -3.55
CA SER A 154 9.69 -10.57 -4.93
C SER A 154 8.31 -10.92 -5.50
N ILE A 155 7.45 -11.58 -4.72
CA ILE A 155 6.21 -12.02 -5.34
C ILE A 155 5.29 -10.87 -5.70
N THR A 156 5.30 -9.79 -4.91
CA THR A 156 4.36 -8.70 -5.21
C THR A 156 4.92 -7.84 -6.34
N SER A 157 6.23 -7.67 -6.36
CA SER A 157 6.88 -7.09 -7.55
C SER A 157 6.54 -7.86 -8.79
N ASN A 158 6.60 -9.18 -8.67
CA ASN A 158 6.31 -10.04 -9.80
C ASN A 158 4.93 -9.84 -10.32
N ILE A 159 3.98 -9.58 -9.43
CA ILE A 159 2.66 -9.35 -9.95
C ILE A 159 2.64 -8.03 -10.74
N ILE A 160 3.32 -7.00 -10.30
CA ILE A 160 3.36 -5.80 -11.08
C ILE A 160 4.15 -5.88 -12.41
N CYS A 161 5.19 -6.68 -12.39
CA CYS A 161 5.99 -6.97 -13.54
C CYS A 161 5.14 -7.66 -14.58
N SER A 162 4.35 -8.61 -14.14
CA SER A 162 3.46 -9.35 -14.99
C SER A 162 2.43 -8.51 -15.69
N ILE A 163 1.93 -7.51 -15.02
CA ILE A 163 0.90 -6.69 -15.55
C ILE A 163 1.44 -5.62 -16.47
N VAL A 164 2.58 -5.07 -16.11
CA VAL A 164 3.17 -3.97 -16.80
C VAL A 164 4.18 -4.39 -17.87
N PHE A 165 4.97 -5.42 -17.63
CA PHE A 165 6.00 -5.82 -18.57
C PHE A 165 5.67 -7.09 -19.27
N GLY A 166 4.63 -7.79 -18.88
CA GLY A 166 4.27 -9.00 -19.59
C GLY A 166 5.09 -10.20 -19.22
N LYS A 167 5.90 -10.08 -18.15
CA LYS A 167 6.70 -11.21 -17.65
C LYS A 167 6.89 -11.20 -16.13
N ARG A 168 7.18 -12.35 -15.56
CA ARG A 168 7.75 -12.47 -14.24
C ARG A 168 9.28 -12.74 -14.25
N PHE A 169 9.94 -12.47 -13.10
CA PHE A 169 11.36 -12.81 -12.92
C PHE A 169 11.59 -14.00 -11.97
N ASP A 170 12.52 -14.90 -12.31
CA ASP A 170 12.96 -15.95 -11.36
C ASP A 170 13.45 -15.33 -10.06
N TYR A 171 13.26 -16.03 -8.93
CA TYR A 171 13.54 -15.41 -7.61
C TYR A 171 15.02 -15.19 -7.35
N LYS A 172 15.89 -15.97 -8.02
CA LYS A 172 17.38 -15.82 -7.92
C LYS A 172 17.93 -15.07 -9.16
N ASP A 173 17.07 -14.41 -9.96
CA ASP A 173 17.60 -13.61 -11.05
C ASP A 173 18.42 -12.42 -10.50
N PRO A 174 19.77 -12.44 -10.70
CA PRO A 174 20.55 -11.48 -9.89
C PRO A 174 20.47 -10.05 -10.42
N VAL A 175 20.14 -9.88 -11.68
CA VAL A 175 19.89 -8.52 -12.20
C VAL A 175 18.60 -7.93 -11.67
N PHE A 176 17.54 -8.75 -11.64
CA PHE A 176 16.25 -8.46 -11.02
C PHE A 176 16.47 -8.14 -9.52
N LEU A 177 17.17 -9.02 -8.80
CA LEU A 177 17.47 -8.76 -7.37
C LEU A 177 18.25 -7.50 -7.12
N ARG A 178 19.19 -7.18 -7.98
CA ARG A 178 19.91 -5.91 -7.78
C ARG A 178 18.98 -4.70 -7.90
N LEU A 179 18.06 -4.71 -8.87
CA LEU A 179 17.08 -3.57 -9.03
C LEU A 179 16.05 -3.56 -7.87
N LEU A 180 15.55 -4.75 -7.53
CA LEU A 180 14.70 -4.96 -6.36
C LEU A 180 15.36 -4.42 -5.06
N ASP A 181 16.60 -4.84 -4.71
CA ASP A 181 17.32 -4.28 -3.52
C ASP A 181 17.29 -2.75 -3.51
N LEU A 182 17.69 -2.15 -4.65
CA LEU A 182 17.65 -0.66 -4.84
C LEU A 182 16.26 -0.04 -4.61
N PHE A 183 15.24 -0.64 -5.22
CA PHE A 183 13.88 -0.19 -5.06
C PHE A 183 13.41 -0.16 -3.58
N PHE A 184 13.44 -1.31 -2.91
CA PHE A 184 12.99 -1.38 -1.53
C PHE A 184 13.89 -0.70 -0.55
N GLN A 185 15.17 -0.51 -0.87
CA GLN A 185 16.01 0.37 -0.03
C GLN A 185 15.50 1.80 -0.11
N SER A 186 14.97 2.19 -1.28
CA SER A 186 14.41 3.52 -1.37
C SER A 186 13.24 3.74 -0.37
N PHE A 187 12.43 2.71 -0.08
CA PHE A 187 11.43 2.80 0.99
C PHE A 187 12.05 2.89 2.40
N SER A 188 13.01 2.02 2.74
CA SER A 188 13.68 2.27 4.03
C SER A 188 14.16 3.72 4.16
N LEU A 189 14.68 4.31 3.09
CA LEU A 189 15.24 5.63 3.15
C LEU A 189 14.20 6.72 3.26
N ILE A 190 13.07 6.56 2.57
CA ILE A 190 12.02 7.58 2.54
C ILE A 190 11.38 7.68 3.95
N SER A 191 11.50 6.61 4.72
CA SER A 191 10.88 6.53 6.02
C SER A 191 11.87 6.68 7.15
N SER A 192 12.99 7.31 6.86
CA SER A 192 14.01 7.52 7.84
C SER A 192 13.80 8.90 8.38
N PHE A 193 14.32 9.16 9.55
CA PHE A 193 14.40 10.52 10.00
C PHE A 193 14.99 11.47 8.97
N SER A 194 16.04 11.11 8.33
CA SER A 194 16.71 12.14 7.62
C SER A 194 15.79 12.63 6.56
N SER A 195 14.88 11.79 6.11
CA SER A 195 13.92 12.16 5.05
C SER A 195 12.71 12.88 5.62
N GLN A 196 12.20 12.59 6.75
CA GLN A 196 11.19 13.28 7.51
C GLN A 196 11.54 14.75 7.61
N VAL A 197 12.92 14.96 8.22
CA VAL A 197 13.48 16.33 8.27
C VAL A 197 13.47 16.98 6.87
N PHE A 198 13.74 16.17 5.85
CA PHE A 198 13.78 16.71 4.49
C PHE A 198 12.41 17.17 4.09
N GLU A 199 11.39 16.36 4.39
CA GLU A 199 10.02 16.69 4.06
C GLU A 199 9.63 18.04 4.65
N LEU A 200 10.32 18.46 5.70
CA LEU A 200 10.02 19.74 6.34
C LEU A 200 10.90 20.86 5.83
N PHE A 201 12.13 20.56 5.45
CA PHE A 201 13.02 21.67 5.16
C PHE A 201 13.68 21.61 3.79
N SER A 202 13.03 20.90 2.88
CA SER A 202 13.53 20.62 1.53
C SER A 202 14.00 21.82 0.70
N GLY A 203 13.46 23.01 0.96
CA GLY A 203 13.84 24.18 0.16
C GLY A 203 15.26 24.59 0.51
N PHE A 204 15.72 24.08 1.66
CA PHE A 204 17.05 24.35 2.20
C PHE A 204 18.05 23.16 2.07
N LEU A 205 17.66 22.02 2.64
CA LEU A 205 18.46 20.80 2.64
C LEU A 205 18.72 20.16 1.27
N LYS A 206 18.03 20.61 0.22
CA LYS A 206 18.23 20.12 -1.16
C LYS A 206 19.56 20.58 -1.77
N TYR A 207 20.28 21.39 -1.03
CA TYR A 207 21.56 21.93 -1.49
C TYR A 207 22.71 21.15 -0.81
N PHE A 208 22.34 20.33 0.17
CA PHE A 208 23.26 19.54 0.98
C PHE A 208 23.27 18.05 0.52
N PRO A 209 24.26 17.27 1.01
CA PRO A 209 24.24 15.80 0.99
C PRO A 209 23.15 15.23 1.91
N GLY A 210 22.48 14.15 1.48
CA GLY A 210 21.53 13.39 2.32
C GLY A 210 20.80 12.23 1.63
N THR A 211 19.86 11.61 2.35
CA THR A 211 19.08 10.49 1.81
C THR A 211 18.34 10.82 0.51
N HIS A 212 17.98 12.08 0.34
CA HIS A 212 17.33 12.47 -0.86
C HIS A 212 18.19 12.22 -2.07
N ARG A 213 19.49 12.41 -1.95
CA ARG A 213 20.35 12.21 -3.13
C ARG A 213 20.42 10.75 -3.49
N GLN A 214 20.31 9.88 -2.50
CA GLN A 214 20.29 8.40 -2.62
C GLN A 214 18.96 7.86 -3.13
N ILE A 215 17.85 8.46 -2.68
CA ILE A 215 16.54 8.12 -3.24
C ILE A 215 16.49 8.47 -4.72
N TYR A 216 16.92 9.69 -5.05
CA TYR A 216 16.92 10.18 -6.39
C TYR A 216 17.69 9.20 -7.30
N ARG A 217 18.98 8.98 -7.01
CA ARG A 217 19.78 8.02 -7.75
C ARG A 217 19.21 6.59 -7.83
N ASN A 218 18.67 6.07 -6.74
CA ASN A 218 18.11 4.71 -6.83
C ASN A 218 16.89 4.66 -7.82
N LEU A 219 16.02 5.67 -7.70
CA LEU A 219 14.82 5.75 -8.52
C LEU A 219 15.14 6.08 -9.99
N GLN A 220 16.09 6.97 -10.25
CA GLN A 220 16.47 7.23 -11.61
C GLN A 220 17.10 6.01 -12.23
N GLU A 221 17.76 5.18 -11.45
CA GLU A 221 18.31 3.95 -12.01
C GLU A 221 17.22 2.93 -12.39
N ILE A 222 16.13 2.93 -11.66
CA ILE A 222 15.03 2.07 -12.01
C ILE A 222 14.30 2.61 -13.23
N ASN A 223 14.08 3.92 -13.28
CA ASN A 223 13.53 4.59 -14.47
C ASN A 223 14.26 4.32 -15.76
N THR A 224 15.59 4.25 -15.69
CA THR A 224 16.41 3.86 -16.80
C THR A 224 15.98 2.50 -17.26
N PHE A 225 15.87 1.50 -16.37
CA PHE A 225 15.45 0.18 -16.86
C PHE A 225 13.97 0.13 -17.35
N ILE A 226 13.06 0.86 -16.73
CA ILE A 226 11.71 1.00 -17.25
C ILE A 226 11.73 1.60 -18.68
N GLY A 227 12.43 2.73 -18.82
CA GLY A 227 12.73 3.36 -20.09
C GLY A 227 13.22 2.38 -21.12
N GLN A 228 14.21 1.55 -20.82
CA GLN A 228 14.65 0.56 -21.82
C GLN A 228 13.59 -0.47 -22.11
N SER A 229 12.70 -0.75 -21.15
CA SER A 229 11.71 -1.77 -21.44
C SER A 229 10.62 -1.21 -22.36
N VAL A 230 10.22 0.04 -22.15
CA VAL A 230 9.33 0.71 -23.07
C VAL A 230 9.78 0.67 -24.58
N GLU A 231 11.07 0.96 -24.83
CA GLU A 231 11.63 1.02 -26.21
C GLU A 231 11.62 -0.33 -26.82
N LYS A 232 11.88 -1.36 -26.01
CA LYS A 232 11.83 -2.74 -26.45
C LYS A 232 10.40 -3.13 -26.77
N HIS A 233 9.43 -2.66 -25.99
CA HIS A 233 8.03 -2.99 -26.27
C HIS A 233 7.64 -2.35 -27.61
N ARG A 234 8.02 -1.11 -27.81
CA ARG A 234 7.71 -0.41 -29.01
C ARG A 234 8.33 -1.07 -30.24
N ALA A 235 9.60 -1.43 -30.15
CA ALA A 235 10.27 -2.05 -31.30
C ALA A 235 9.67 -3.38 -31.62
N THR A 236 9.05 -4.04 -30.60
CA THR A 236 8.51 -5.40 -30.83
C THR A 236 6.94 -5.46 -30.87
N LEU A 237 6.28 -4.31 -31.07
CA LEU A 237 4.87 -4.13 -30.78
C LEU A 237 4.00 -4.86 -31.83
N ASP A 238 2.86 -5.40 -31.40
CA ASP A 238 1.84 -5.95 -32.36
C ASP A 238 0.62 -5.24 -31.90
N PRO A 239 0.21 -4.16 -32.58
CA PRO A 239 -0.92 -3.37 -32.10
C PRO A 239 -2.26 -4.14 -32.08
N SER A 240 -2.30 -5.34 -32.67
CA SER A 240 -3.53 -6.15 -32.62
C SER A 240 -3.58 -7.09 -31.44
N ASN A 241 -2.43 -7.25 -30.77
CA ASN A 241 -2.33 -8.12 -29.57
C ASN A 241 -1.49 -7.50 -28.43
N PRO A 242 -1.99 -6.46 -27.81
CA PRO A 242 -1.27 -5.87 -26.70
C PRO A 242 -0.98 -6.87 -25.60
N ARG A 243 0.21 -6.81 -25.04
CA ARG A 243 0.66 -7.80 -24.09
C ARG A 243 0.47 -7.36 -22.66
N ASP A 244 0.39 -6.07 -22.45
CA ASP A 244 0.49 -5.58 -21.11
C ASP A 244 0.17 -4.12 -21.08
N PHE A 245 0.34 -3.52 -19.92
CA PHE A 245 0.00 -2.16 -19.69
C PHE A 245 0.75 -1.24 -20.60
N ILE A 246 2.01 -1.52 -20.83
CA ILE A 246 2.83 -0.64 -21.61
C ILE A 246 2.41 -0.64 -23.06
N ASP A 247 2.08 -1.79 -23.61
CA ASP A 247 1.59 -1.86 -24.95
C ASP A 247 0.35 -1.04 -25.09
N VAL A 248 -0.59 -1.22 -24.16
CA VAL A 248 -1.90 -0.53 -24.25
C VAL A 248 -1.64 0.93 -24.13
N TYR A 249 -0.70 1.33 -23.28
CA TYR A 249 -0.42 2.74 -23.15
C TYR A 249 0.27 3.25 -24.46
N LEU A 250 1.05 2.38 -25.14
CA LEU A 250 1.80 2.88 -26.33
C LEU A 250 0.81 3.19 -27.47
N LEU A 251 -0.15 2.28 -27.68
CA LEU A 251 -1.33 2.53 -28.55
C LEU A 251 -2.10 3.82 -28.27
N ARG A 252 -2.31 4.12 -27.00
CA ARG A 252 -3.02 5.32 -26.63
C ARG A 252 -2.17 6.57 -26.90
N MET A 253 -0.84 6.47 -26.83
CA MET A 253 0.04 7.59 -27.24
C MET A 253 -0.20 7.93 -28.72
N GLU A 254 -0.13 6.93 -29.59
CA GLU A 254 -0.31 7.13 -31.02
C GLU A 254 -1.65 7.81 -31.32
N LYS A 255 -2.74 7.20 -30.86
CA LYS A 255 -4.07 7.74 -31.09
C LYS A 255 -4.15 9.22 -30.73
N ASP A 256 -3.72 9.56 -29.52
CA ASP A 256 -3.77 10.94 -29.04
C ASP A 256 -2.61 11.78 -29.54
N LYS A 257 -1.80 11.24 -30.46
CA LYS A 257 -0.67 11.95 -31.11
C LYS A 257 -1.04 13.37 -31.64
N SER A 258 -2.28 13.53 -32.09
CA SER A 258 -2.80 14.82 -32.60
C SER A 258 -3.43 15.77 -31.55
N ASP A 259 -3.30 15.44 -30.27
CA ASP A 259 -3.76 16.32 -29.19
C ASP A 259 -2.61 16.68 -28.20
N PRO A 260 -2.19 17.97 -28.18
CA PRO A 260 -1.12 18.37 -27.25
C PRO A 260 -1.69 18.90 -25.90
N SER A 261 -2.99 18.65 -25.67
CA SER A 261 -3.54 18.78 -24.33
C SER A 261 -3.53 17.39 -23.67
N SER A 262 -3.39 16.35 -24.52
CA SER A 262 -3.23 14.96 -24.09
C SER A 262 -2.05 14.77 -23.14
N GLU A 263 -2.28 13.91 -22.18
CA GLU A 263 -1.26 13.62 -21.18
C GLU A 263 -0.43 12.37 -21.53
N PHE A 264 -0.82 11.67 -22.58
CA PHE A 264 -0.28 10.34 -22.87
C PHE A 264 1.03 10.39 -23.61
N HIS A 265 2.05 10.82 -22.86
CA HIS A 265 3.39 10.88 -23.37
C HIS A 265 4.38 9.99 -22.62
N HIS A 266 5.56 9.89 -23.18
CA HIS A 266 6.61 9.05 -22.68
C HIS A 266 6.96 9.29 -21.20
N GLN A 267 6.94 10.56 -20.79
CA GLN A 267 7.26 10.94 -19.42
C GLN A 267 6.26 10.28 -18.50
N ASN A 268 4.99 10.53 -18.77
CA ASN A 268 3.95 10.00 -17.98
C ASN A 268 4.00 8.48 -17.89
N LEU A 269 4.64 7.82 -18.85
CA LEU A 269 4.57 6.39 -18.91
C LEU A 269 5.63 5.76 -17.96
N ILE A 270 6.83 6.33 -17.95
CA ILE A 270 7.92 5.85 -17.13
C ILE A 270 7.50 6.04 -15.68
N LEU A 271 7.01 7.23 -15.37
CA LEU A 271 6.67 7.57 -14.02
C LEU A 271 5.42 6.85 -13.48
N THR A 272 4.46 6.57 -14.36
CA THR A 272 3.27 5.88 -14.03
C THR A 272 3.63 4.46 -13.77
N VAL A 273 4.45 3.85 -14.63
CA VAL A 273 4.93 2.55 -14.32
C VAL A 273 5.65 2.53 -12.93
N LEU A 274 6.52 3.50 -12.67
CA LEU A 274 7.31 3.44 -11.43
C LEU A 274 6.30 3.69 -10.27
N SER A 275 5.31 4.53 -10.55
CA SER A 275 4.18 4.75 -9.61
C SER A 275 3.47 3.49 -9.15
N LEU A 276 3.21 2.58 -10.08
CA LEU A 276 2.54 1.32 -9.83
C LEU A 276 3.38 0.40 -8.97
N PHE A 277 4.68 0.26 -9.27
CA PHE A 277 5.55 -0.47 -8.34
C PHE A 277 5.50 0.12 -6.94
N PHE A 278 5.64 1.45 -6.87
CA PHE A 278 5.70 2.12 -5.62
C PHE A 278 4.42 1.91 -4.74
N ALA A 279 3.13 1.95 -5.36
CA ALA A 279 1.85 1.77 -4.68
C ALA A 279 1.63 0.31 -4.44
N GLY A 280 2.13 -0.52 -5.34
CA GLY A 280 1.66 -1.86 -5.43
C GLY A 280 2.45 -2.96 -4.78
N THR A 281 3.58 -2.62 -4.21
CA THR A 281 4.43 -3.67 -3.68
C THR A 281 4.59 -3.63 -2.15
N GLU A 282 5.18 -2.57 -1.62
CA GLU A 282 5.64 -2.57 -0.26
C GLU A 282 4.56 -2.86 0.76
N THR A 283 3.44 -2.17 0.62
CA THR A 283 2.34 -2.36 1.51
C THR A 283 1.79 -3.76 1.49
N THR A 284 1.56 -4.37 0.34
CA THR A 284 1.09 -5.73 0.23
C THR A 284 2.06 -6.73 0.80
N SER A 285 3.31 -6.49 0.56
CA SER A 285 4.36 -7.34 0.95
C SER A 285 4.45 -7.35 2.46
N THR A 286 4.35 -6.19 3.04
CA THR A 286 4.40 -6.05 4.45
C THR A 286 3.16 -6.58 5.17
N THR A 287 2.00 -6.53 4.54
CA THR A 287 0.82 -7.15 5.10
C THR A 287 0.95 -8.66 5.19
N LEU A 288 1.49 -9.28 4.13
CA LEU A 288 1.89 -10.68 4.18
C LEU A 288 2.91 -11.03 5.27
N ARG A 289 3.89 -10.18 5.43
CA ARG A 289 4.89 -10.46 6.41
C ARG A 289 4.23 -10.31 7.75
N TYR A 290 3.43 -9.29 7.92
CA TYR A 290 2.70 -9.17 9.24
C TYR A 290 1.77 -10.35 9.54
N GLY A 291 1.06 -10.87 8.50
CA GLY A 291 0.06 -11.89 8.70
C GLY A 291 0.74 -13.14 9.19
N PHE A 292 1.90 -13.46 8.61
CA PHE A 292 2.67 -14.64 9.04
C PHE A 292 3.27 -14.45 10.41
N LEU A 293 3.60 -13.24 10.83
CA LEU A 293 3.94 -13.00 12.22
C LEU A 293 2.73 -13.32 13.13
N LEU A 294 1.52 -12.92 12.75
CA LEU A 294 0.37 -13.23 13.60
C LEU A 294 0.06 -14.74 13.63
N MET A 295 0.34 -15.43 12.53
CA MET A 295 0.03 -16.84 12.42
C MET A 295 0.99 -17.74 13.25
N LEU A 296 2.19 -17.23 13.50
CA LEU A 296 3.11 -17.83 14.41
C LEU A 296 2.61 -17.53 15.81
N LYS A 297 2.29 -16.26 16.08
CA LYS A 297 1.80 -15.88 17.38
C LYS A 297 0.51 -16.62 17.83
N TYR A 298 -0.39 -17.00 16.92
CA TYR A 298 -1.67 -17.61 17.26
C TYR A 298 -1.92 -18.89 16.42
N PRO A 299 -1.22 -19.99 16.75
CA PRO A 299 -1.28 -21.28 16.04
C PRO A 299 -2.68 -21.80 15.94
N HIS A 300 -3.55 -21.39 16.85
CA HIS A 300 -4.94 -21.90 16.80
C HIS A 300 -5.66 -21.27 15.68
N VAL A 301 -5.34 -20.00 15.36
CA VAL A 301 -5.99 -19.35 14.22
C VAL A 301 -5.50 -20.01 12.89
N THR A 302 -4.17 -20.14 12.78
CA THR A 302 -3.56 -20.76 11.61
C THR A 302 -4.02 -22.20 11.46
N GLU A 303 -4.41 -22.82 12.57
CA GLU A 303 -4.88 -24.19 12.56
C GLU A 303 -6.31 -24.27 12.05
N ARG A 304 -7.07 -23.22 12.29
CA ARG A 304 -8.43 -23.15 11.85
C ARG A 304 -8.52 -22.74 10.41
N VAL A 305 -7.65 -21.87 9.97
CA VAL A 305 -7.61 -21.51 8.57
C VAL A 305 -7.26 -22.73 7.75
N GLN A 306 -6.33 -23.54 8.24
CA GLN A 306 -6.00 -24.76 7.55
C GLN A 306 -7.15 -25.74 7.43
N LYS A 307 -7.96 -25.88 8.46
CA LYS A 307 -9.10 -26.76 8.43
C LYS A 307 -10.13 -26.19 7.49
N GLU A 308 -10.28 -24.86 7.40
CA GLU A 308 -11.15 -24.34 6.35
C GLU A 308 -10.63 -24.58 4.93
N ILE A 309 -9.31 -24.49 4.73
CA ILE A 309 -8.72 -24.73 3.40
C ILE A 309 -9.00 -26.21 2.99
N GLU A 310 -8.75 -27.14 3.89
CA GLU A 310 -9.01 -28.54 3.64
C GLU A 310 -10.49 -28.82 3.33
N GLN A 311 -11.43 -28.20 4.07
CA GLN A 311 -12.88 -28.43 3.86
C GLN A 311 -13.37 -27.97 2.49
N VAL A 312 -12.98 -26.74 2.12
CA VAL A 312 -13.52 -26.08 0.96
C VAL A 312 -12.67 -26.45 -0.28
N ILE A 313 -11.34 -26.49 -0.14
CA ILE A 313 -10.45 -26.53 -1.32
C ILE A 313 -9.89 -27.94 -1.50
N GLY A 314 -9.41 -28.51 -0.41
CA GLY A 314 -8.78 -29.80 -0.44
C GLY A 314 -7.27 -29.64 -0.41
N SER A 315 -6.60 -30.74 -0.58
CA SER A 315 -5.17 -30.78 -0.51
C SER A 315 -4.51 -30.57 -1.85
N HIS A 316 -5.28 -30.81 -2.95
CA HIS A 316 -4.71 -30.87 -4.29
C HIS A 316 -4.79 -29.63 -5.15
N ARG A 317 -5.94 -29.28 -5.62
CA ARG A 317 -6.10 -28.19 -6.55
C ARG A 317 -5.67 -26.87 -5.97
N PRO A 318 -5.16 -25.97 -6.80
CA PRO A 318 -4.76 -24.66 -6.26
C PRO A 318 -5.99 -23.89 -5.77
N PRO A 319 -5.85 -23.11 -4.68
CA PRO A 319 -6.86 -22.11 -4.28
C PRO A 319 -7.17 -21.16 -5.42
N ALA A 320 -8.42 -20.72 -5.50
CA ALA A 320 -8.88 -19.80 -6.53
C ALA A 320 -9.69 -18.74 -5.79
N LEU A 321 -9.84 -17.56 -6.40
CA LEU A 321 -10.62 -16.47 -5.79
C LEU A 321 -12.10 -16.82 -5.41
N ASP A 322 -12.81 -17.61 -6.22
CA ASP A 322 -14.22 -18.02 -5.88
C ASP A 322 -14.25 -18.80 -4.55
N ASP A 323 -13.12 -19.41 -4.16
CA ASP A 323 -13.08 -20.09 -2.87
C ASP A 323 -13.27 -19.13 -1.68
N ARG A 324 -12.98 -17.84 -1.86
CA ARG A 324 -13.04 -16.90 -0.73
C ARG A 324 -14.41 -16.74 -0.11
N ALA A 325 -15.41 -16.61 -0.99
CA ALA A 325 -16.81 -16.44 -0.59
C ALA A 325 -17.26 -17.62 0.27
N LYS A 326 -16.65 -18.77 0.10
CA LYS A 326 -16.95 -19.93 0.89
C LYS A 326 -16.06 -20.12 2.12
N MET A 327 -15.15 -19.20 2.32
CA MET A 327 -14.22 -19.32 3.44
C MET A 327 -14.28 -18.09 4.39
N PRO A 328 -15.43 -17.87 5.09
CA PRO A 328 -15.56 -16.60 5.83
C PRO A 328 -14.54 -16.46 6.96
N TYR A 329 -14.18 -17.56 7.60
CA TYR A 329 -13.16 -17.56 8.64
C TYR A 329 -11.80 -17.00 8.16
N THR A 330 -11.24 -17.60 7.10
CA THR A 330 -9.95 -17.15 6.52
C THR A 330 -10.12 -15.75 6.06
N ASP A 331 -11.24 -15.47 5.40
CA ASP A 331 -11.53 -14.10 4.99
C ASP A 331 -11.51 -13.12 6.18
N ALA A 332 -12.04 -13.53 7.34
CA ALA A 332 -12.11 -12.64 8.52
C ALA A 332 -10.70 -12.48 9.12
N VAL A 333 -9.92 -13.55 9.00
CA VAL A 333 -8.53 -13.48 9.47
C VAL A 333 -7.79 -12.46 8.62
N ILE A 334 -8.02 -12.49 7.31
CA ILE A 334 -7.31 -11.49 6.45
C ILE A 334 -7.68 -10.06 6.79
N HIS A 335 -9.00 -9.82 6.92
CA HIS A 335 -9.45 -8.46 7.31
C HIS A 335 -8.75 -8.02 8.60
N GLU A 336 -8.69 -8.94 9.55
CA GLU A 336 -8.17 -8.61 10.88
C GLU A 336 -6.63 -8.41 10.84
N ILE A 337 -5.89 -9.16 10.01
CA ILE A 337 -4.48 -8.82 9.74
C ILE A 337 -4.34 -7.42 9.17
N GLN A 338 -5.23 -7.01 8.27
CA GLN A 338 -5.15 -5.64 7.71
C GLN A 338 -5.52 -4.66 8.75
N ARG A 339 -6.46 -5.02 9.61
CA ARG A 339 -6.90 -4.01 10.58
C ARG A 339 -5.82 -3.78 11.65
N LEU A 340 -5.38 -4.86 12.29
CA LEU A 340 -4.42 -4.80 13.39
C LEU A 340 -3.13 -4.30 12.79
N GLY A 341 -2.82 -4.78 11.61
CA GLY A 341 -1.60 -4.41 10.95
C GLY A 341 -1.46 -2.95 10.71
N ASP A 342 -2.53 -2.32 10.31
CA ASP A 342 -2.58 -0.84 10.29
C ASP A 342 -1.36 -0.27 9.57
N LEU A 343 -1.10 -0.76 8.37
CA LEU A 343 0.16 -0.40 7.70
C LEU A 343 0.29 1.00 7.10
N ILE A 344 -0.82 1.73 6.91
CA ILE A 344 -0.73 3.15 6.54
C ILE A 344 -1.48 3.99 7.60
N PRO A 345 -0.88 4.19 8.78
CA PRO A 345 -1.68 4.69 9.88
C PRO A 345 -2.21 6.10 9.72
N PHE A 346 -1.50 6.98 9.00
CA PHE A 346 -1.93 8.37 8.83
C PHE A 346 -2.52 8.54 7.46
N GLY A 347 -2.81 7.46 6.76
CA GLY A 347 -3.29 7.67 5.40
C GLY A 347 -2.15 8.14 4.51
N VAL A 348 -2.43 8.24 3.21
CA VAL A 348 -1.55 8.96 2.29
C VAL A 348 -2.08 10.43 2.21
N PRO A 349 -1.20 11.46 2.29
CA PRO A 349 -1.72 12.85 2.38
C PRO A 349 -2.59 13.26 1.21
N HIS A 350 -3.67 13.98 1.51
CA HIS A 350 -4.52 14.59 0.47
C HIS A 350 -4.25 16.11 0.49
N THR A 351 -4.83 16.80 -0.50
CA THR A 351 -5.17 18.24 -0.40
C THR A 351 -6.66 18.57 -0.82
N VAL A 352 -7.15 19.76 -0.47
CA VAL A 352 -8.47 20.21 -0.94
C VAL A 352 -8.24 20.92 -2.27
N THR A 353 -9.12 20.70 -3.21
CA THR A 353 -8.91 21.20 -4.52
C THR A 353 -9.53 22.59 -4.76
N LYS A 354 -10.12 23.19 -3.72
CA LYS A 354 -10.82 24.48 -3.80
C LYS A 354 -11.00 24.89 -2.34
N ASP A 355 -11.41 26.12 -2.09
CA ASP A 355 -11.74 26.50 -0.73
C ASP A 355 -12.93 25.68 -0.35
N THR A 356 -12.89 25.15 0.86
CA THR A 356 -13.82 24.09 1.21
C THR A 356 -14.43 24.40 2.59
N GLN A 357 -15.74 24.27 2.68
CA GLN A 357 -16.43 24.44 3.96
C GLN A 357 -16.52 23.05 4.55
N PHE A 358 -16.23 22.94 5.84
CA PHE A 358 -16.26 21.63 6.44
C PHE A 358 -16.40 21.85 7.92
N ARG A 359 -17.57 21.47 8.44
CA ARG A 359 -17.91 21.60 9.87
C ARG A 359 -17.82 23.04 10.37
N GLY A 360 -18.15 24.01 9.49
CA GLY A 360 -18.16 25.41 9.90
C GLY A 360 -16.80 26.03 9.69
N TYR A 361 -15.79 25.20 9.43
CA TYR A 361 -14.46 25.69 9.15
C TYR A 361 -14.23 25.92 7.66
N VAL A 362 -13.25 26.76 7.36
CA VAL A 362 -12.84 26.95 5.98
C VAL A 362 -11.40 26.46 5.76
N ILE A 363 -11.27 25.61 4.78
CA ILE A 363 -10.00 25.03 4.47
C ILE A 363 -9.66 25.58 3.11
N PRO A 364 -8.64 26.39 3.04
CA PRO A 364 -8.25 27.03 1.81
C PRO A 364 -7.62 26.06 0.85
N LYS A 365 -7.86 26.30 -0.42
CA LYS A 365 -7.46 25.45 -1.47
C LYS A 365 -6.00 25.05 -1.36
N ASN A 366 -5.73 23.78 -1.60
CA ASN A 366 -4.42 23.23 -1.53
C ASN A 366 -3.88 23.00 -0.14
N THR A 367 -4.65 23.26 0.90
CA THR A 367 -4.19 22.83 2.19
C THR A 367 -4.10 21.33 2.20
N GLU A 368 -3.13 20.83 2.93
CA GLU A 368 -2.91 19.42 3.06
C GLU A 368 -3.78 18.82 4.12
N VAL A 369 -4.21 17.62 3.88
CA VAL A 369 -5.14 16.97 4.80
C VAL A 369 -4.70 15.54 5.07
N PHE A 370 -4.62 15.14 6.33
CA PHE A 370 -4.25 13.75 6.67
C PHE A 370 -5.42 12.95 7.16
N PRO A 371 -5.80 11.90 6.43
CA PRO A 371 -6.86 11.12 7.03
C PRO A 371 -6.31 9.92 7.75
N VAL A 372 -6.44 9.94 9.06
CA VAL A 372 -5.73 9.05 9.91
C VAL A 372 -6.53 7.79 9.97
N LEU A 373 -6.30 6.90 9.00
CA LEU A 373 -7.05 5.64 8.92
C LEU A 373 -6.96 4.80 10.20
N SER A 374 -5.86 4.94 10.93
CA SER A 374 -5.62 4.18 12.18
C SER A 374 -6.77 4.45 13.20
N SER A 375 -7.23 5.70 13.23
CA SER A 375 -8.26 6.05 14.21
C SER A 375 -9.58 5.40 13.81
N ALA A 376 -9.73 4.96 12.56
CA ALA A 376 -10.89 4.19 12.20
C ALA A 376 -10.70 2.66 12.42
N LEU A 377 -9.50 2.18 12.11
CA LEU A 377 -9.19 0.75 12.27
C LEU A 377 -9.21 0.31 13.72
N HIS A 378 -9.02 1.26 14.63
CA HIS A 378 -9.08 0.98 16.06
C HIS A 378 -10.34 1.56 16.73
N ASP A 379 -11.32 1.98 15.93
CA ASP A 379 -12.55 2.63 16.51
C ASP A 379 -13.33 1.64 17.41
N PRO A 380 -13.44 1.92 18.73
CA PRO A 380 -14.22 0.97 19.57
C PRO A 380 -15.74 0.94 19.21
N ARG A 381 -16.22 1.87 18.40
CA ARG A 381 -17.61 1.68 17.89
C ARG A 381 -17.78 0.42 17.01
N TYR A 382 -16.76 0.17 16.18
CA TYR A 382 -16.82 -0.89 15.17
C TYR A 382 -16.00 -2.09 15.62
N PHE A 383 -15.14 -1.93 16.63
CA PHE A 383 -14.29 -3.04 17.05
C PHE A 383 -14.24 -3.21 18.52
N GLU A 384 -14.85 -4.27 18.97
CA GLU A 384 -14.90 -4.59 20.39
C GLU A 384 -13.57 -4.56 21.14
N THR A 385 -12.51 -5.19 20.58
CA THR A 385 -11.18 -5.21 21.27
C THR A 385 -10.10 -4.76 20.30
N PRO A 386 -9.94 -3.43 20.10
CA PRO A 386 -9.17 -2.93 18.99
C PRO A 386 -7.64 -3.16 19.00
N ASN A 387 -7.07 -3.39 20.17
CA ASN A 387 -5.62 -3.61 20.26
C ASN A 387 -5.25 -5.11 20.35
N THR A 388 -6.18 -6.01 20.05
CA THR A 388 -5.96 -7.43 20.24
C THR A 388 -6.41 -8.13 19.00
N PHE A 389 -5.65 -9.14 18.60
CA PHE A 389 -5.96 -9.85 17.38
C PHE A 389 -7.23 -10.67 17.57
N ASN A 390 -8.29 -10.40 16.76
CA ASN A 390 -9.59 -11.02 16.95
C ASN A 390 -10.40 -11.13 15.63
N PRO A 391 -10.27 -12.27 14.92
CA PRO A 391 -11.04 -12.54 13.67
C PRO A 391 -12.54 -12.36 13.90
N GLY A 392 -12.98 -12.71 15.11
CA GLY A 392 -14.32 -12.40 15.58
C GLY A 392 -14.83 -11.03 15.19
N HIS A 393 -13.94 -10.05 15.07
CA HIS A 393 -14.32 -8.69 14.62
C HIS A 393 -15.14 -8.67 13.31
N PHE A 394 -14.95 -9.68 12.49
CA PHE A 394 -15.51 -9.74 11.15
C PHE A 394 -16.37 -10.98 10.94
N LEU A 395 -16.82 -11.62 12.05
CA LEU A 395 -17.73 -12.77 12.01
C LEU A 395 -19.03 -12.52 12.78
N ASP A 396 -20.16 -12.85 12.19
CA ASP A 396 -21.41 -12.67 12.91
C ASP A 396 -21.71 -13.94 13.73
N ALA A 397 -22.90 -14.03 14.33
CA ALA A 397 -23.24 -15.13 15.23
C ALA A 397 -23.45 -16.45 14.50
N ASN A 398 -23.63 -16.37 13.20
CA ASN A 398 -23.76 -17.50 12.32
C ASN A 398 -22.47 -17.88 11.61
N GLY A 399 -21.37 -17.27 12.01
CA GLY A 399 -20.08 -17.52 11.41
C GLY A 399 -19.91 -16.95 10.02
N ALA A 400 -20.78 -16.06 9.56
CA ALA A 400 -20.60 -15.40 8.26
C ALA A 400 -19.84 -14.09 8.41
N LEU A 401 -19.21 -13.64 7.33
CA LEU A 401 -18.37 -12.42 7.33
C LEU A 401 -19.24 -11.19 7.45
N LYS A 402 -18.83 -10.21 8.26
CA LYS A 402 -19.48 -8.89 8.31
C LYS A 402 -18.46 -7.84 8.20
N ARG A 403 -18.81 -6.75 7.56
CA ARG A 403 -17.88 -5.65 7.44
C ARG A 403 -18.65 -4.49 7.94
N ASN A 404 -17.94 -3.49 8.47
CA ASN A 404 -18.57 -2.33 9.04
C ASN A 404 -17.79 -1.11 8.53
N GLU A 405 -18.28 0.09 8.86
CA GLU A 405 -17.65 1.32 8.39
C GLU A 405 -16.28 1.56 9.01
N GLY A 406 -15.87 0.87 10.05
CA GLY A 406 -14.50 1.14 10.57
C GLY A 406 -13.41 0.55 9.64
N PHE A 407 -13.79 -0.41 8.81
CA PHE A 407 -12.80 -1.12 8.05
C PHE A 407 -12.45 -0.31 6.81
N MET A 408 -11.49 0.60 6.89
CA MET A 408 -11.10 1.42 5.76
C MET A 408 -9.59 1.49 5.61
N PRO A 409 -8.96 0.33 5.45
CA PRO A 409 -7.50 0.26 5.30
C PRO A 409 -7.05 0.73 3.92
N PHE A 410 -7.93 0.63 2.94
CA PHE A 410 -7.61 1.06 1.58
C PHE A 410 -8.02 2.51 1.35
N SER A 411 -8.52 3.15 2.39
CA SER A 411 -9.05 4.49 2.35
C SER A 411 -10.41 4.57 1.70
N LEU A 412 -10.82 5.76 1.27
CA LEU A 412 -12.22 6.00 0.77
C LEU A 412 -12.27 7.13 -0.23
N GLY A 413 -13.37 7.23 -0.98
CA GLY A 413 -13.65 8.39 -1.81
C GLY A 413 -12.97 8.26 -3.16
N LYS A 414 -12.58 9.40 -3.70
CA LYS A 414 -12.12 9.33 -5.11
C LYS A 414 -10.71 8.81 -5.32
N ARG A 415 -9.91 8.89 -4.28
CA ARG A 415 -8.56 8.38 -4.24
C ARG A 415 -8.42 6.98 -3.67
N ILE A 416 -9.51 6.33 -3.31
CA ILE A 416 -9.43 5.02 -2.71
C ILE A 416 -8.43 4.18 -3.47
N CYS A 417 -7.72 3.29 -2.79
CA CYS A 417 -6.77 2.42 -3.44
C CYS A 417 -7.20 1.86 -4.78
N LEU A 418 -6.45 2.18 -5.81
CA LEU A 418 -6.77 1.70 -7.13
C LEU A 418 -6.58 0.21 -7.26
N GLY A 419 -5.67 -0.35 -6.49
CA GLY A 419 -5.42 -1.76 -6.49
C GLY A 419 -6.10 -2.61 -5.45
N GLU A 420 -7.11 -2.09 -4.80
CA GLU A 420 -7.74 -2.86 -3.75
C GLU A 420 -8.08 -4.29 -4.13
N GLY A 421 -8.77 -4.50 -5.23
CA GLY A 421 -9.20 -5.82 -5.57
C GLY A 421 -8.04 -6.74 -5.89
N ILE A 422 -7.00 -6.20 -6.50
CA ILE A 422 -5.73 -6.96 -6.73
C ILE A 422 -5.04 -7.32 -5.40
N ALA A 423 -4.96 -6.35 -4.53
CA ALA A 423 -4.31 -6.50 -3.19
C ALA A 423 -4.99 -7.66 -2.44
N ARG A 424 -6.30 -7.62 -2.32
CA ARG A 424 -7.03 -8.63 -1.62
C ARG A 424 -6.91 -9.95 -2.29
N THR A 425 -6.88 -9.96 -3.60
CA THR A 425 -6.57 -11.25 -4.31
C THR A 425 -5.17 -11.79 -3.95
N GLU A 426 -4.18 -10.97 -4.04
CA GLU A 426 -2.88 -11.39 -3.54
C GLU A 426 -2.91 -11.99 -2.12
N LEU A 427 -3.53 -11.27 -1.17
CA LEU A 427 -3.50 -11.69 0.23
C LEU A 427 -4.20 -12.97 0.30
N PHE A 428 -5.35 -13.05 -0.35
CA PHE A 428 -6.09 -14.33 -0.27
C PHE A 428 -5.37 -15.51 -0.91
N LEU A 429 -4.96 -15.36 -2.17
CA LEU A 429 -4.29 -16.49 -2.78
C LEU A 429 -2.89 -16.82 -2.16
N PHE A 430 -2.12 -15.80 -1.84
CA PHE A 430 -0.80 -16.12 -1.21
C PHE A 430 -0.91 -16.86 0.15
N PHE A 431 -1.65 -16.29 1.13
CA PHE A 431 -1.95 -16.97 2.40
C PHE A 431 -2.47 -18.39 2.29
N THR A 432 -3.54 -18.62 1.50
CA THR A 432 -4.10 -19.98 1.42
C THR A 432 -3.21 -20.90 0.60
N THR A 433 -2.60 -20.45 -0.49
CA THR A 433 -1.77 -21.44 -1.24
C THR A 433 -0.54 -21.79 -0.36
N ILE A 434 0.03 -20.81 0.36
CA ILE A 434 1.10 -21.21 1.32
C ILE A 434 0.63 -22.14 2.41
N LEU A 435 -0.48 -21.81 3.08
CA LEU A 435 -0.90 -22.58 4.27
C LEU A 435 -1.46 -23.89 3.83
N GLN A 436 -2.00 -23.96 2.62
CA GLN A 436 -2.36 -25.28 2.10
C GLN A 436 -1.20 -26.28 2.02
N ASN A 437 0.02 -25.76 1.86
CA ASN A 437 1.17 -26.61 1.51
C ASN A 437 2.19 -26.67 2.62
N PHE A 438 2.19 -25.67 3.52
CA PHE A 438 3.17 -25.60 4.60
C PHE A 438 2.46 -25.24 5.91
N SER A 439 2.95 -25.82 6.99
CA SER A 439 2.72 -25.37 8.34
C SER A 439 3.94 -24.58 8.72
N ILE A 440 3.90 -23.91 9.88
CA ILE A 440 4.95 -22.94 10.19
C ILE A 440 5.48 -23.09 11.60
N ALA A 441 6.74 -22.74 11.79
CA ALA A 441 7.37 -22.82 13.10
C ALA A 441 8.53 -21.84 13.23
N SER A 442 8.61 -21.16 14.37
CA SER A 442 9.67 -20.19 14.61
C SER A 442 10.45 -20.52 15.87
N PRO A 443 11.64 -19.96 16.00
CA PRO A 443 12.50 -20.19 17.16
C PRO A 443 11.95 -19.51 18.42
N VAL A 444 11.05 -18.56 18.23
CA VAL A 444 10.46 -17.85 19.33
C VAL A 444 9.07 -18.37 19.57
N PRO A 445 8.77 -18.76 20.78
CA PRO A 445 7.44 -19.23 21.11
C PRO A 445 6.38 -18.12 21.07
N PRO A 446 5.16 -18.50 20.77
CA PRO A 446 4.08 -17.55 20.59
C PRO A 446 4.02 -16.47 21.68
N GLU A 447 4.02 -16.87 22.95
CA GLU A 447 3.91 -15.94 24.07
C GLU A 447 5.06 -14.89 24.10
N ASP A 448 6.21 -15.20 23.51
CA ASP A 448 7.32 -14.23 23.44
C ASP A 448 7.39 -13.40 22.16
N ILE A 449 6.51 -13.71 21.20
CA ILE A 449 6.45 -12.96 19.94
C ILE A 449 5.86 -11.58 20.23
N ASP A 450 6.59 -10.55 19.83
CA ASP A 450 6.16 -9.13 19.98
C ASP A 450 5.58 -8.55 18.66
N LEU A 451 4.36 -8.05 18.72
CA LEU A 451 3.69 -7.48 17.53
C LEU A 451 3.91 -5.98 17.28
N THR A 452 4.61 -5.31 18.20
CA THR A 452 4.79 -3.85 18.23
C THR A 452 5.65 -3.35 17.08
N PRO A 453 5.13 -2.44 16.23
CA PRO A 453 5.93 -1.98 15.08
C PRO A 453 7.33 -1.48 15.41
N ARG A 454 8.35 -2.05 14.76
CA ARG A 454 9.79 -1.64 14.91
C ARG A 454 10.07 -0.18 14.49
N GLU A 455 9.36 0.27 13.45
CA GLU A 455 9.38 1.66 13.02
C GLU A 455 7.95 2.13 12.72
N SER A 456 7.36 2.90 13.64
CA SER A 456 5.99 3.33 13.51
C SER A 456 5.89 4.69 12.83
N GLY A 457 6.23 4.73 11.56
CA GLY A 457 6.12 5.95 10.81
C GLY A 457 5.04 5.78 9.78
N VAL A 458 5.13 6.50 8.67
CA VAL A 458 4.06 6.47 7.68
C VAL A 458 3.74 5.09 7.25
N GLY A 459 4.57 4.14 7.66
CA GLY A 459 4.39 2.77 7.24
C GLY A 459 4.29 1.70 8.30
N ASN A 460 4.46 2.02 9.56
CA ASN A 460 4.28 1.03 10.60
C ASN A 460 4.85 -0.36 10.36
N VAL A 461 6.18 -0.52 10.32
CA VAL A 461 6.83 -1.79 9.98
C VAL A 461 6.88 -2.85 11.05
N PRO A 462 6.47 -4.06 10.79
CA PRO A 462 6.62 -5.13 11.76
C PRO A 462 8.05 -5.43 12.05
N PRO A 463 8.35 -5.92 13.23
CA PRO A 463 9.72 -6.40 13.52
C PRO A 463 10.14 -7.59 12.61
N SER A 464 11.44 -7.71 12.31
CA SER A 464 12.04 -8.86 11.61
C SER A 464 11.90 -10.16 12.41
N TYR A 465 11.75 -11.28 11.73
CA TYR A 465 11.65 -12.56 12.45
C TYR A 465 12.06 -13.67 11.47
N GLN A 466 12.13 -14.89 11.99
CA GLN A 466 12.60 -16.03 11.26
C GLN A 466 11.51 -17.01 11.34
N ILE A 467 11.37 -17.79 10.30
CA ILE A 467 10.27 -18.67 10.20
C ILE A 467 10.73 -19.87 9.38
N ARG A 468 10.12 -21.02 9.64
CA ARG A 468 10.24 -22.22 8.87
C ARG A 468 8.95 -22.52 8.20
N PHE A 469 9.02 -22.97 6.98
CA PHE A 469 7.89 -23.47 6.26
C PHE A 469 8.06 -24.97 6.10
N LEU A 470 7.26 -25.75 6.81
CA LEU A 470 7.39 -27.20 6.88
C LEU A 470 6.36 -27.79 5.94
N ALA A 471 6.83 -28.39 4.86
CA ALA A 471 5.95 -29.02 3.86
C ALA A 471 5.03 -30.04 4.48
N ARG A 472 3.76 -29.99 4.11
CA ARG A 472 2.77 -30.84 4.68
C ARG A 472 2.53 -32.12 3.93
N HIS A 473 1.91 -33.03 4.64
CA HIS A 473 1.78 -34.44 4.33
C HIS A 473 2.48 -34.97 3.13
#